data_3CY2
#
_entry.id   3CY2
#
_cell.length_a   98.668
_cell.length_b   98.668
_cell.length_c   81.129
_cell.angle_alpha   90.000
_cell.angle_beta   90.000
_cell.angle_gamma   120.000
#
_symmetry.space_group_name_H-M   'P 65'
#
loop_
_entity.id
_entity.type
_entity.pdbx_description
1 polymer 'Proto-oncogene serine/threonine-protein kinase Pim-1, Isoform 2'
2 polymer 'Pimtide peptide'
3 non-polymer 'CHLORIDE ION'
4 non-polymer "(4R)-7-chloro-9-methyl-1-oxo-1,2,4,9-tetrahydrospiro[beta-carboline-3,4'-piperidine]-4-carbonitrile"
5 non-polymer 1,2-ETHANEDIOL
6 water water
#
loop_
_entity_poly.entity_id
_entity_poly.type
_entity_poly.pdbx_seq_one_letter_code
_entity_poly.pdbx_strand_id
1 'polypeptide(L)'
;SMLLSKINSLAHLRAAPCNDLHATKLAPGKEKEPLESQYQVGPLLGSGGFGSVYSGIRVSDNLPVAIKHVEKDRISDWGE
LPNGTRVPMEVVLLKKVSSGFSGVIRLLDWFERPDSFVLILERPEPVQDLFDFITERGALQEELARSFFWQVLEAVRHCH
NCGVLHRDIKDENILIDLNRGELKLIDFGSGALLKDTVYTDFDGTRVYSPPEWIRYHRYHGRSAAVWSLGILLYDMVCGD
IPFEHDEEIIGGQVFFRQRVSSECQHLIRWCLALRPSDRPTFEEIQNHPWMQDVLLPQETAEIHLHSLSPGPSK
;
A
2 'polypeptide(L)' ARKRRRHPSGPPTA B
#
loop_
_chem_comp.id
_chem_comp.type
_chem_comp.name
_chem_comp.formula
CL non-polymer 'CHLORIDE ION' 'Cl -1'
EDO non-polymer 1,2-ETHANEDIOL 'C2 H6 O2'
MB9 non-polymer (4R)-7-chloro-9-methyl-1-oxo-1,2,4,9-tetrahydrospiro[beta-carboline-3,4'-piperidine]-4-carbonitrile 'C17 H17 Cl N4 O'
#
# COMPACT_ATOMS: atom_id res chain seq x y z
N PRO A 34 13.31 -25.98 -7.97
CA PRO A 34 13.80 -26.05 -6.60
C PRO A 34 14.32 -24.70 -6.07
N LEU A 35 13.65 -24.18 -5.04
CA LEU A 35 13.89 -22.81 -4.53
C LEU A 35 15.35 -22.52 -4.17
N GLU A 36 15.90 -23.34 -3.29
CA GLU A 36 17.19 -23.06 -2.63
C GLU A 36 18.38 -23.00 -3.62
N SER A 37 18.29 -23.74 -4.73
CA SER A 37 19.32 -23.71 -5.77
C SER A 37 19.26 -22.42 -6.62
N GLN A 38 18.05 -21.90 -6.85
CA GLN A 38 17.84 -20.80 -7.79
C GLN A 38 18.03 -19.38 -7.23
N TYR A 39 17.94 -19.21 -5.91
CA TYR A 39 18.14 -17.90 -5.26
C TYR A 39 19.22 -17.96 -4.20
N GLN A 40 20.11 -16.97 -4.21
CA GLN A 40 21.04 -16.76 -3.13
C GLN A 40 20.31 -15.87 -2.11
N VAL A 41 20.12 -16.40 -0.91
CA VAL A 41 19.47 -15.69 0.19
C VAL A 41 20.46 -14.72 0.82
N GLY A 42 19.99 -13.53 1.17
CA GLY A 42 20.83 -12.58 1.90
C GLY A 42 20.24 -12.27 3.27
N PRO A 43 20.42 -11.01 3.72
CA PRO A 43 19.84 -10.51 4.99
C PRO A 43 18.29 -10.49 5.08
N LEU A 44 17.79 -10.73 6.29
CA LEU A 44 16.39 -10.54 6.63
C LEU A 44 16.07 -9.05 6.44
N LEU A 45 14.99 -8.76 5.70
CA LEU A 45 14.53 -7.39 5.45
C LEU A 45 13.38 -6.99 6.38
N GLY A 46 12.54 -7.95 6.76
CA GLY A 46 11.44 -7.70 7.70
C GLY A 46 10.75 -8.98 8.14
N SER A 47 10.06 -8.93 9.27
CA SER A 47 9.23 -10.04 9.71
C SER A 47 8.05 -9.52 10.52
N GLY A 48 6.98 -10.31 10.58
CA GLY A 48 5.88 -10.01 11.48
C GLY A 48 4.84 -11.11 11.42
N GLY A 49 3.59 -10.74 11.65
CA GLY A 49 2.48 -11.70 11.63
C GLY A 49 2.44 -12.49 10.35
N PHE A 50 2.60 -11.78 9.23
CA PHE A 50 2.60 -12.39 7.89
C PHE A 50 3.61 -13.53 7.73
N GLY A 51 4.79 -13.34 8.31
CA GLY A 51 5.95 -14.18 8.04
C GLY A 51 7.22 -13.36 7.99
N SER A 52 8.15 -13.73 7.10
CA SER A 52 9.49 -13.13 7.08
C SER A 52 9.90 -12.90 5.65
N VAL A 53 10.59 -11.80 5.38
CA VAL A 53 11.04 -11.52 4.01
C VAL A 53 12.54 -11.19 4.01
N TYR A 54 13.26 -11.80 3.06
CA TYR A 54 14.70 -11.71 2.94
C TYR A 54 15.06 -11.04 1.63
N SER A 55 16.24 -10.42 1.63
CA SER A 55 16.88 -9.95 0.43
C SER A 55 17.46 -11.18 -0.27
N GLY A 56 17.44 -11.16 -1.59
CA GLY A 56 17.91 -12.29 -2.38
C GLY A 56 18.37 -11.83 -3.74
N ILE A 57 19.07 -12.72 -4.42
CA ILE A 57 19.48 -12.49 -5.79
C ILE A 57 19.15 -13.76 -6.54
N ARG A 58 18.48 -13.61 -7.68
CA ARG A 58 18.29 -14.74 -8.58
C ARG A 58 19.65 -15.05 -9.21
N VAL A 59 20.12 -16.28 -9.01
CA VAL A 59 21.46 -16.66 -9.47
C VAL A 59 21.57 -16.62 -10.99
N SER A 60 20.45 -16.89 -11.66
CA SER A 60 20.37 -16.92 -13.13
C SER A 60 21.05 -15.68 -13.75
N ASP A 61 20.62 -14.49 -13.31
CA ASP A 61 21.06 -13.22 -13.91
C ASP A 61 21.35 -12.11 -12.88
N ASN A 62 21.55 -12.48 -11.62
CA ASN A 62 21.81 -11.53 -10.52
C ASN A 62 20.69 -10.51 -10.22
N LEU A 63 19.47 -10.77 -10.70
CA LEU A 63 18.33 -9.88 -10.46
C LEU A 63 18.05 -9.78 -8.97
N PRO A 64 17.95 -8.55 -8.43
CA PRO A 64 17.56 -8.37 -7.03
C PRO A 64 16.11 -8.81 -6.78
N VAL A 65 15.94 -9.66 -5.77
CA VAL A 65 14.62 -10.14 -5.39
C VAL A 65 14.40 -9.97 -3.89
N ALA A 66 13.14 -10.08 -3.52
CA ALA A 66 12.72 -10.28 -2.13
C ALA A 66 12.06 -11.68 -2.03
N ILE A 67 12.46 -12.43 -1.01
CA ILE A 67 11.99 -13.78 -0.77
C ILE A 67 11.11 -13.77 0.48
N LYS A 68 9.82 -13.95 0.26
CA LYS A 68 8.79 -13.79 1.28
C LYS A 68 8.22 -15.14 1.70
N HIS A 69 8.41 -15.47 2.97
CA HIS A 69 7.96 -16.72 3.55
C HIS A 69 6.66 -16.44 4.30
N VAL A 70 5.60 -17.08 3.83
CA VAL A 70 4.25 -16.94 4.40
C VAL A 70 3.86 -18.27 5.04
N GLU A 71 3.73 -18.28 6.36
CA GLU A 71 3.36 -19.50 7.10
C GLU A 71 1.91 -19.89 6.82
N LYS A 72 1.66 -21.18 6.60
CA LYS A 72 0.31 -21.66 6.24
C LYS A 72 -0.72 -21.41 7.35
N ASP A 73 -0.26 -21.46 8.60
CA ASP A 73 -1.09 -21.19 9.79
C ASP A 73 -1.76 -19.80 9.78
N ARG A 74 -1.06 -18.79 9.28
CA ARG A 74 -1.60 -17.43 9.30
C ARG A 74 -2.27 -17.00 7.99
N ILE A 75 -2.40 -17.93 7.03
CA ILE A 75 -3.12 -17.67 5.77
C ILE A 75 -4.59 -17.87 6.04
N SER A 76 -5.37 -16.79 5.98
CA SER A 76 -6.82 -16.86 6.17
C SER A 76 -7.56 -17.20 4.88
N ASP A 77 -7.34 -16.40 3.86
CA ASP A 77 -8.02 -16.56 2.58
C ASP A 77 -7.19 -17.32 1.55
N TRP A 78 -7.81 -18.33 0.95
CA TRP A 78 -7.19 -19.17 -0.07
C TRP A 78 -7.96 -19.00 -1.37
N GLY A 79 -7.25 -19.16 -2.48
CA GLY A 79 -7.86 -19.12 -3.80
C GLY A 79 -7.42 -20.31 -4.62
N GLU A 80 -7.80 -20.31 -5.90
CA GLU A 80 -7.36 -21.32 -6.84
C GLU A 80 -6.89 -20.63 -8.11
N LEU A 81 -5.70 -20.98 -8.59
CA LEU A 81 -5.25 -20.58 -9.92
C LEU A 81 -5.84 -21.59 -10.92
N PRO A 82 -6.14 -21.15 -12.16
CA PRO A 82 -6.74 -22.09 -13.11
C PRO A 82 -5.75 -23.11 -13.66
N THR A 85 -3.90 -24.91 -8.65
CA THR A 85 -3.91 -25.59 -7.37
C THR A 85 -4.46 -24.68 -6.25
N ARG A 86 -4.35 -25.14 -5.00
CA ARG A 86 -4.74 -24.34 -3.84
C ARG A 86 -3.58 -23.46 -3.37
N VAL A 87 -3.79 -22.14 -3.41
CA VAL A 87 -2.74 -21.19 -3.06
C VAL A 87 -3.31 -20.11 -2.13
N PRO A 88 -2.42 -19.38 -1.45
CA PRO A 88 -2.92 -18.22 -0.72
C PRO A 88 -3.62 -17.25 -1.67
N MET A 89 -4.66 -16.59 -1.18
CA MET A 89 -5.30 -15.51 -1.94
C MET A 89 -4.27 -14.47 -2.39
N GLU A 90 -3.26 -14.22 -1.57
CA GLU A 90 -2.16 -13.30 -1.93
C GLU A 90 -1.54 -13.59 -3.30
N VAL A 91 -1.29 -14.87 -3.57
CA VAL A 91 -0.72 -15.35 -4.84
C VAL A 91 -1.72 -15.13 -6.00
N VAL A 92 -2.99 -15.43 -5.78
CA VAL A 92 -4.03 -15.15 -6.80
C VAL A 92 -4.05 -13.65 -7.18
N LEU A 93 -4.04 -12.79 -6.16
CA LEU A 93 -4.16 -11.35 -6.37
C LEU A 93 -2.90 -10.78 -7.05
N LEU A 94 -1.72 -11.22 -6.60
CA LEU A 94 -0.46 -10.87 -7.23
C LEU A 94 -0.37 -11.28 -8.71
N LYS A 95 -0.78 -12.50 -9.03
CA LYS A 95 -0.87 -12.95 -10.43
C LYS A 95 -1.82 -12.05 -11.24
N LYS A 96 -2.94 -11.64 -10.65
CA LYS A 96 -3.90 -10.79 -11.35
C LYS A 96 -3.35 -9.38 -11.67
N VAL A 97 -2.53 -8.81 -10.78
CA VAL A 97 -1.98 -7.46 -11.00
C VAL A 97 -0.60 -7.45 -11.65
N SER A 98 -0.07 -8.66 -11.90
CA SER A 98 1.26 -8.85 -12.47
C SER A 98 1.34 -8.25 -13.88
N SER A 99 2.40 -7.49 -14.14
CA SER A 99 2.46 -6.65 -15.34
C SER A 99 3.80 -5.88 -15.38
N GLY A 100 4.10 -5.32 -16.54
CA GLY A 100 5.28 -4.48 -16.74
C GLY A 100 5.14 -3.13 -16.05
N PHE A 101 3.89 -2.72 -15.80
CA PHE A 101 3.59 -1.54 -15.00
C PHE A 101 4.23 -1.63 -13.63
N SER A 102 5.04 -0.64 -13.30
CA SER A 102 5.93 -0.75 -12.16
C SER A 102 5.31 -0.25 -10.86
N GLY A 103 4.08 0.27 -10.93
CA GLY A 103 3.42 0.80 -9.74
C GLY A 103 3.01 -0.24 -8.71
N VAL A 104 2.94 -1.51 -9.13
CA VAL A 104 2.60 -2.63 -8.27
C VAL A 104 3.78 -3.63 -8.32
N ILE A 105 4.12 -4.21 -7.17
CA ILE A 105 5.16 -5.23 -7.08
C ILE A 105 4.84 -6.42 -8.01
N ARG A 106 5.88 -6.90 -8.69
CA ARG A 106 5.78 -8.07 -9.56
C ARG A 106 6.18 -9.35 -8.81
N LEU A 107 5.24 -10.28 -8.74
CA LEU A 107 5.54 -11.64 -8.31
C LEU A 107 6.25 -12.41 -9.46
N LEU A 108 7.49 -12.82 -9.22
CA LEU A 108 8.32 -13.49 -10.23
C LEU A 108 8.14 -15.00 -10.21
N ASP A 109 7.87 -15.56 -9.03
CA ASP A 109 7.71 -17.01 -8.88
C ASP A 109 7.22 -17.31 -7.45
N TRP A 110 6.76 -18.53 -7.23
CA TRP A 110 6.32 -18.97 -5.91
C TRP A 110 6.47 -20.48 -5.80
N PHE A 111 6.67 -20.93 -4.57
CA PHE A 111 6.95 -22.32 -4.23
C PHE A 111 6.11 -22.71 -3.03
N GLU A 112 5.67 -23.95 -2.95
CA GLU A 112 5.02 -24.44 -1.74
C GLU A 112 6.00 -25.34 -0.97
N ARG A 113 6.00 -25.19 0.36
CA ARG A 113 6.72 -26.09 1.25
C ARG A 113 5.69 -26.74 2.19
N PRO A 114 6.15 -27.67 3.05
CA PRO A 114 5.20 -28.33 3.96
C PRO A 114 4.39 -27.38 4.82
N ASP A 115 5.01 -26.33 5.36
CA ASP A 115 4.37 -25.45 6.34
C ASP A 115 4.32 -24.00 5.91
N SER A 116 4.65 -23.74 4.65
CA SER A 116 4.69 -22.37 4.16
C SER A 116 4.62 -22.29 2.63
N PHE A 117 4.39 -21.07 2.16
CA PHE A 117 4.61 -20.69 0.77
C PHE A 117 5.78 -19.70 0.71
N VAL A 118 6.55 -19.77 -0.37
CA VAL A 118 7.66 -18.85 -0.59
C VAL A 118 7.37 -18.04 -1.84
N LEU A 119 7.33 -16.73 -1.69
CA LEU A 119 6.99 -15.83 -2.80
C LEU A 119 8.25 -15.07 -3.19
N ILE A 120 8.57 -15.09 -4.48
CA ILE A 120 9.69 -14.32 -5.02
C ILE A 120 9.14 -13.05 -5.69
N LEU A 121 9.55 -11.91 -5.13
CA LEU A 121 9.11 -10.60 -5.56
C LEU A 121 10.26 -9.82 -6.15
N GLU A 122 9.98 -8.96 -7.14
CA GLU A 122 11.01 -8.04 -7.65
C GLU A 122 11.41 -7.06 -6.53
N ARG A 123 12.69 -6.73 -6.45
CA ARG A 123 13.15 -5.82 -5.41
C ARG A 123 13.85 -4.65 -6.05
N PRO A 124 13.30 -3.43 -5.87
CA PRO A 124 14.04 -2.24 -6.30
C PRO A 124 15.32 -2.03 -5.47
N GLU A 125 16.33 -1.44 -6.09
CA GLU A 125 17.65 -1.25 -5.48
C GLU A 125 18.22 0.07 -6.04
N PRO A 126 18.50 1.07 -5.19
CA PRO A 126 18.16 1.21 -3.79
C PRO A 126 16.68 1.53 -3.54
N VAL A 127 16.23 1.17 -2.35
CA VAL A 127 14.85 1.25 -1.97
C VAL A 127 14.72 1.75 -0.53
N GLN A 128 13.68 2.52 -0.28
CA GLN A 128 13.20 2.78 1.07
C GLN A 128 11.68 2.74 1.05
N ASP A 129 11.10 2.16 2.11
CA ASP A 129 9.67 2.23 2.27
C ASP A 129 9.24 3.65 2.71
N LEU A 130 7.98 3.95 2.39
CA LEU A 130 7.46 5.27 2.59
C LEU A 130 7.29 5.62 4.05
N PHE A 131 7.04 4.62 4.90
CA PHE A 131 7.01 4.81 6.34
C PHE A 131 8.33 5.41 6.84
N ASP A 132 9.45 4.77 6.49
CA ASP A 132 10.78 5.21 6.92
C ASP A 132 11.17 6.54 6.30
N PHE A 133 10.81 6.73 5.04
CA PHE A 133 11.06 7.99 4.35
C PHE A 133 10.41 9.17 5.09
N ILE A 134 9.12 9.03 5.42
CA ILE A 134 8.36 10.06 6.21
C ILE A 134 8.93 10.23 7.64
N THR A 135 9.25 9.14 8.31
CA THR A 135 9.93 9.23 9.61
C THR A 135 11.23 10.05 9.52
N GLU A 136 12.07 9.78 8.52
CA GLU A 136 13.35 10.47 8.41
C GLU A 136 13.21 11.92 7.95
N ARG A 137 12.30 12.17 7.00
CA ARG A 137 12.19 13.49 6.39
C ARG A 137 11.16 14.40 7.01
N GLY A 138 10.28 13.84 7.82
CA GLY A 138 9.13 14.57 8.36
C GLY A 138 8.06 14.79 7.31
N ALA A 139 7.20 15.77 7.59
CA ALA A 139 6.15 16.23 6.69
C ALA A 139 6.77 16.56 5.32
N LEU A 140 6.18 15.99 4.27
CA LEU A 140 6.67 16.19 2.91
C LEU A 140 6.14 17.49 2.32
N GLN A 141 7.01 18.18 1.57
CA GLN A 141 6.60 19.27 0.70
C GLN A 141 5.44 18.80 -0.17
N GLU A 142 4.48 19.70 -0.41
CA GLU A 142 3.27 19.36 -1.18
C GLU A 142 3.54 18.85 -2.60
N GLU A 143 4.54 19.41 -3.27
CA GLU A 143 5.00 18.96 -4.57
C GLU A 143 5.42 17.50 -4.55
N LEU A 144 6.12 17.11 -3.48
CA LEU A 144 6.56 15.75 -3.32
C LEU A 144 5.38 14.83 -2.98
N ALA A 145 4.54 15.27 -2.04
CA ALA A 145 3.35 14.54 -1.68
C ALA A 145 2.40 14.34 -2.89
N ARG A 146 2.28 15.36 -3.74
CA ARG A 146 1.46 15.30 -4.96
C ARG A 146 1.96 14.21 -5.90
N SER A 147 3.27 14.17 -6.11
CA SER A 147 3.90 13.18 -6.98
C SER A 147 3.70 11.77 -6.47
N PHE A 148 4.00 11.56 -5.17
CA PHE A 148 3.81 10.28 -4.54
C PHE A 148 2.33 9.86 -4.53
N PHE A 149 1.42 10.74 -4.11
CA PHE A 149 0.01 10.42 -4.00
C PHE A 149 -0.61 10.05 -5.35
N TRP A 150 -0.23 10.80 -6.39
CA TRP A 150 -0.62 10.52 -7.78
C TRP A 150 -0.21 9.11 -8.22
N GLN A 151 1.06 8.77 -7.95
CA GLN A 151 1.57 7.45 -8.27
C GLN A 151 0.82 6.34 -7.53
N VAL A 152 0.43 6.60 -6.27
CA VAL A 152 -0.34 5.64 -5.51
C VAL A 152 -1.74 5.47 -6.11
N LEU A 153 -2.37 6.57 -6.46
CA LEU A 153 -3.63 6.52 -7.18
C LEU A 153 -3.57 5.66 -8.44
N GLU A 154 -2.57 5.87 -9.29
CA GLU A 154 -2.38 5.10 -10.52
C GLU A 154 -2.19 3.63 -10.23
N ALA A 155 -1.43 3.31 -9.18
CA ALA A 155 -1.22 1.90 -8.72
C ALA A 155 -2.52 1.20 -8.24
N VAL A 156 -3.31 1.92 -7.46
CA VAL A 156 -4.56 1.41 -6.93
C VAL A 156 -5.61 1.24 -8.03
N ARG A 157 -5.67 2.20 -8.96
CA ARG A 157 -6.50 2.07 -10.17
C ARG A 157 -6.10 0.83 -10.99
N HIS A 158 -4.79 0.59 -11.14
CA HIS A 158 -4.31 -0.63 -11.77
C HIS A 158 -4.89 -1.92 -11.09
N CYS A 159 -4.80 -1.98 -9.76
CA CYS A 159 -5.33 -3.09 -8.99
C CYS A 159 -6.82 -3.29 -9.26
N HIS A 160 -7.60 -2.20 -9.11
CA HIS A 160 -9.04 -2.25 -9.34
C HIS A 160 -9.42 -2.64 -10.77
N ASN A 161 -8.70 -2.10 -11.75
CA ASN A 161 -8.87 -2.53 -13.14
C ASN A 161 -8.61 -4.03 -13.36
N CYS A 162 -7.70 -4.61 -12.60
CA CYS A 162 -7.38 -6.06 -12.62
C CYS A 162 -8.27 -6.92 -11.72
N GLY A 163 -9.25 -6.31 -11.07
CA GLY A 163 -10.20 -7.02 -10.22
C GLY A 163 -9.74 -7.30 -8.80
N VAL A 164 -8.79 -6.50 -8.33
CA VAL A 164 -8.15 -6.70 -7.04
C VAL A 164 -8.35 -5.49 -6.13
N LEU A 165 -8.90 -5.74 -4.95
CA LEU A 165 -8.97 -4.73 -3.88
C LEU A 165 -7.81 -5.00 -2.87
N HIS A 166 -6.99 -3.98 -2.65
CA HIS A 166 -5.78 -4.13 -1.83
C HIS A 166 -6.09 -4.31 -0.31
N ARG A 167 -6.88 -3.40 0.27
CA ARG A 167 -7.36 -3.43 1.68
C ARG A 167 -6.31 -3.16 2.77
N ASP A 168 -5.10 -2.79 2.36
CA ASP A 168 -4.08 -2.41 3.31
C ASP A 168 -3.14 -1.32 2.75
N ILE A 169 -3.75 -0.31 2.13
CA ILE A 169 -2.99 0.82 1.62
C ILE A 169 -2.48 1.63 2.84
N LYS A 170 -1.16 1.73 2.93
CA LYS A 170 -0.49 2.50 3.98
C LYS A 170 0.95 2.78 3.58
N ASP A 171 1.58 3.75 4.23
CA ASP A 171 3.00 4.05 3.94
C ASP A 171 3.97 2.86 4.10
N GLU A 172 3.72 1.97 5.06
CA GLU A 172 4.53 0.73 5.26
C GLU A 172 4.46 -0.20 4.06
N ASN A 173 3.40 -0.10 3.26
CA ASN A 173 3.17 -1.01 2.11
C ASN A 173 3.45 -0.33 0.76
N ILE A 174 4.27 0.73 0.81
CA ILE A 174 4.73 1.47 -0.38
C ILE A 174 6.28 1.55 -0.37
N LEU A 175 6.90 1.05 -1.44
CA LEU A 175 8.34 1.15 -1.66
C LEU A 175 8.63 2.32 -2.62
N ILE A 176 9.70 3.05 -2.33
CA ILE A 176 10.23 4.11 -3.20
C ILE A 176 11.51 3.58 -3.85
N ASP A 177 11.44 3.40 -5.17
CA ASP A 177 12.63 3.25 -6.04
C ASP A 177 13.30 4.64 -6.07
N LEU A 178 14.34 4.78 -5.25
CA LEU A 178 14.96 6.07 -4.98
C LEU A 178 15.66 6.67 -6.21
N ASN A 179 16.13 5.82 -7.12
CA ASN A 179 16.83 6.27 -8.32
C ASN A 179 15.87 6.71 -9.43
N ARG A 180 14.74 6.01 -9.56
CA ARG A 180 13.74 6.28 -10.58
C ARG A 180 12.62 7.24 -10.13
N GLY A 181 12.51 7.47 -8.81
CA GLY A 181 11.43 8.25 -8.22
C GLY A 181 10.07 7.58 -8.44
N GLU A 182 10.08 6.25 -8.55
CA GLU A 182 8.86 5.46 -8.76
C GLU A 182 8.47 4.70 -7.49
N LEU A 183 7.19 4.80 -7.16
CA LEU A 183 6.58 4.12 -6.03
C LEU A 183 6.00 2.77 -6.47
N LYS A 184 6.03 1.81 -5.55
CA LYS A 184 5.56 0.44 -5.77
C LYS A 184 4.69 -0.03 -4.59
N LEU A 185 3.44 -0.37 -4.92
CA LEU A 185 2.51 -0.90 -3.95
C LEU A 185 2.86 -2.38 -3.70
N ILE A 186 3.00 -2.71 -2.43
CA ILE A 186 3.35 -4.05 -1.98
C ILE A 186 2.31 -4.53 -0.96
N ASP A 187 2.49 -5.77 -0.54
CA ASP A 187 1.71 -6.43 0.53
C ASP A 187 0.22 -6.62 0.24
N PHE A 188 -0.04 -7.64 -0.56
CA PHE A 188 -1.39 -8.03 -0.90
C PHE A 188 -1.94 -9.12 0.04
N GLY A 189 -1.32 -9.26 1.22
CA GLY A 189 -1.74 -10.25 2.21
C GLY A 189 -3.08 -10.05 2.89
N SER A 190 -3.70 -8.88 2.74
CA SER A 190 -5.06 -8.60 3.25
C SER A 190 -6.10 -8.38 2.13
N GLY A 191 -5.71 -8.58 0.87
CA GLY A 191 -6.55 -8.20 -0.24
C GLY A 191 -7.70 -9.14 -0.52
N ALA A 192 -8.57 -8.74 -1.44
CA ALA A 192 -9.65 -9.58 -1.90
C ALA A 192 -9.88 -9.34 -3.39
N LEU A 193 -10.67 -10.23 -4.00
CA LEU A 193 -11.26 -9.91 -5.29
C LEU A 193 -12.18 -8.71 -5.08
N LEU A 194 -12.11 -7.76 -6.02
CA LEU A 194 -12.97 -6.58 -6.01
C LEU A 194 -14.42 -7.01 -6.36
N LYS A 195 -15.38 -6.50 -5.61
CA LYS A 195 -16.81 -6.75 -5.83
C LYS A 195 -17.61 -5.49 -5.48
N ASP A 196 -18.90 -5.49 -5.83
CA ASP A 196 -19.75 -4.29 -5.71
C ASP A 196 -20.66 -4.35 -4.49
N THR A 197 -20.59 -5.46 -3.78
CA THR A 197 -21.35 -5.67 -2.57
C THR A 197 -20.48 -5.44 -1.32
N VAL A 198 -21.11 -5.54 -0.17
CA VAL A 198 -20.47 -5.23 1.10
C VAL A 198 -19.43 -6.30 1.47
N TYR A 199 -18.32 -5.84 2.05
CA TYR A 199 -17.39 -6.72 2.72
C TYR A 199 -17.73 -6.66 4.22
N THR A 200 -17.69 -7.82 4.87
CA THR A 200 -17.98 -7.91 6.28
C THR A 200 -16.77 -8.50 7.02
N ASP A 201 -15.69 -8.76 6.27
CA ASP A 201 -14.40 -9.18 6.82
C ASP A 201 -13.37 -8.10 6.51
N PHE A 202 -12.37 -7.98 7.39
CA PHE A 202 -11.26 -7.06 7.24
C PHE A 202 -10.11 -7.48 8.15
N ASP A 203 -8.91 -7.58 7.58
CA ASP A 203 -7.69 -7.87 8.34
C ASP A 203 -6.55 -6.94 7.95
N GLY A 204 -6.87 -5.78 7.38
CA GLY A 204 -5.85 -4.77 7.09
C GLY A 204 -5.47 -4.00 8.34
N THR A 205 -5.02 -2.76 8.15
CA THR A 205 -4.58 -1.92 9.25
C THR A 205 -5.73 -1.02 9.78
N ARG A 206 -6.03 -1.17 11.07
CA ARG A 206 -7.19 -0.54 11.69
C ARG A 206 -7.13 0.98 11.59
N VAL A 207 -5.97 1.58 11.83
CA VAL A 207 -5.86 3.04 11.80
C VAL A 207 -6.05 3.63 10.39
N TYR A 208 -6.03 2.79 9.35
CA TYR A 208 -6.31 3.23 7.97
C TYR A 208 -7.72 2.77 7.54
N SER A 209 -8.45 2.10 8.45
CA SER A 209 -9.78 1.56 8.19
C SER A 209 -10.88 2.61 8.43
N PRO A 210 -11.98 2.52 7.68
CA PRO A 210 -12.96 3.57 7.71
C PRO A 210 -13.96 3.43 8.87
N PRO A 211 -14.64 4.52 9.21
CA PRO A 211 -15.61 4.54 10.33
C PRO A 211 -16.75 3.52 10.22
N GLU A 212 -17.23 3.26 9.02
CA GLU A 212 -18.27 2.24 8.79
C GLU A 212 -17.79 0.81 9.15
N TRP A 213 -16.49 0.53 8.97
CA TRP A 213 -15.91 -0.72 9.47
C TRP A 213 -15.86 -0.71 11.01
N ILE A 214 -15.35 0.36 11.60
CA ILE A 214 -15.27 0.51 13.05
C ILE A 214 -16.68 0.39 13.69
N ARG A 215 -17.67 1.11 13.15
CA ARG A 215 -19.01 1.09 13.70
C ARG A 215 -19.82 -0.17 13.40
N TYR A 216 -19.78 -0.63 12.14
CA TYR A 216 -20.72 -1.64 11.65
C TYR A 216 -20.11 -2.95 11.16
N HIS A 217 -18.79 -3.04 11.14
CA HIS A 217 -18.12 -4.19 10.51
C HIS A 217 -18.60 -4.41 9.05
N ARG A 218 -18.85 -3.31 8.33
CA ARG A 218 -19.32 -3.37 6.94
C ARG A 218 -18.71 -2.22 6.14
N TYR A 219 -18.30 -2.49 4.90
CA TYR A 219 -17.80 -1.45 4.00
C TYR A 219 -17.87 -1.92 2.54
N HIS A 220 -17.93 -0.95 1.64
CA HIS A 220 -17.71 -1.20 0.21
C HIS A 220 -16.26 -0.91 -0.13
N GLY A 221 -15.72 -1.63 -1.10
CA GLY A 221 -14.28 -1.65 -1.41
C GLY A 221 -13.70 -0.30 -1.80
N ARG A 222 -14.25 0.32 -2.83
CA ARG A 222 -13.76 1.57 -3.33
C ARG A 222 -13.77 2.70 -2.30
N SER A 223 -14.91 2.90 -1.62
CA SER A 223 -15.03 4.00 -0.65
C SER A 223 -14.14 3.81 0.57
N ALA A 224 -13.95 2.54 0.97
CA ALA A 224 -12.97 2.18 2.01
C ALA A 224 -11.53 2.46 1.54
N ALA A 225 -11.26 2.19 0.25
CA ALA A 225 -9.95 2.47 -0.33
C ALA A 225 -9.66 3.97 -0.29
N VAL A 226 -10.64 4.78 -0.68
CA VAL A 226 -10.52 6.25 -0.70
C VAL A 226 -10.28 6.80 0.71
N TRP A 227 -10.98 6.23 1.70
CA TRP A 227 -10.69 6.55 3.09
C TRP A 227 -9.19 6.31 3.46
N SER A 228 -8.66 5.13 3.15
CA SER A 228 -7.25 4.84 3.43
C SER A 228 -6.29 5.82 2.67
N LEU A 229 -6.68 6.26 1.49
CA LEU A 229 -5.89 7.20 0.71
C LEU A 229 -5.90 8.60 1.36
N GLY A 230 -7.04 9.00 1.94
CA GLY A 230 -7.12 10.21 2.78
C GLY A 230 -6.16 10.22 3.95
N ILE A 231 -6.14 9.10 4.67
CA ILE A 231 -5.20 8.86 5.77
C ILE A 231 -3.77 8.94 5.29
N LEU A 232 -3.49 8.31 4.14
CA LEU A 232 -2.17 8.33 3.58
C LEU A 232 -1.68 9.75 3.17
N LEU A 233 -2.56 10.49 2.51
CA LEU A 233 -2.26 11.85 2.12
C LEU A 233 -1.99 12.78 3.33
N TYR A 234 -2.82 12.71 4.38
CA TYR A 234 -2.60 13.41 5.65
C TYR A 234 -1.22 13.05 6.22
N ASP A 235 -0.91 11.77 6.22
CA ASP A 235 0.36 11.22 6.67
C ASP A 235 1.53 11.85 5.93
N MET A 236 1.46 11.89 4.59
CA MET A 236 2.44 12.57 3.78
C MET A 236 2.65 14.06 4.11
N VAL A 237 1.59 14.83 4.20
CA VAL A 237 1.74 16.27 4.36
C VAL A 237 1.88 16.77 5.81
N CYS A 238 1.54 15.92 6.78
CA CYS A 238 1.68 16.24 8.20
C CYS A 238 2.77 15.46 8.94
N GLY A 239 3.30 14.39 8.33
CA GLY A 239 4.36 13.59 8.92
C GLY A 239 3.91 12.42 9.82
N ASP A 240 2.61 12.34 10.14
CA ASP A 240 2.02 11.15 10.73
C ASP A 240 0.54 11.08 10.37
N ILE A 241 -0.06 9.90 10.60
CA ILE A 241 -1.48 9.67 10.39
C ILE A 241 -2.34 10.49 11.37
N PRO A 242 -3.57 10.83 10.98
CA PRO A 242 -4.38 11.71 11.83
C PRO A 242 -4.99 11.02 13.03
N PHE A 243 -5.29 9.72 12.93
CA PHE A 243 -6.06 9.00 13.96
C PHE A 243 -5.31 7.79 14.48
N GLU A 244 -5.33 7.61 15.81
CA GLU A 244 -4.85 6.39 16.45
C GLU A 244 -5.99 5.58 17.08
N HIS A 245 -7.04 6.27 17.51
CA HIS A 245 -8.09 5.66 18.31
C HIS A 245 -9.41 5.59 17.54
N ASP A 246 -10.17 4.52 17.79
CA ASP A 246 -11.51 4.33 17.22
C ASP A 246 -12.41 5.57 17.27
N GLU A 247 -12.42 6.24 18.41
CA GLU A 247 -13.24 7.45 18.60
C GLU A 247 -12.81 8.62 17.69
N GLU A 248 -11.51 8.72 17.42
CA GLU A 248 -11.01 9.69 16.45
C GLU A 248 -11.44 9.36 15.02
N ILE A 249 -11.32 8.08 14.64
CA ILE A 249 -11.71 7.58 13.33
C ILE A 249 -13.18 7.88 13.05
N ILE A 250 -14.05 7.63 14.02
CA ILE A 250 -15.49 7.91 13.82
C ILE A 250 -15.92 9.35 14.13
N GLY A 251 -15.08 10.11 14.82
CA GLY A 251 -15.45 11.46 15.25
C GLY A 251 -15.69 12.54 14.19
N GLY A 252 -15.13 12.39 13.01
CA GLY A 252 -15.36 13.35 11.92
C GLY A 252 -14.63 14.71 11.91
N GLN A 253 -13.58 14.86 12.76
CA GLN A 253 -12.75 16.07 12.77
C GLN A 253 -11.35 15.74 12.26
N VAL A 254 -10.89 16.50 11.29
CA VAL A 254 -9.53 16.39 10.80
C VAL A 254 -8.81 17.67 11.23
N PHE A 255 -7.96 17.55 12.25
CA PHE A 255 -7.07 18.64 12.71
C PHE A 255 -5.74 18.54 11.97
N PHE A 256 -5.32 19.66 11.38
CA PHE A 256 -4.03 19.73 10.68
C PHE A 256 -2.94 20.22 11.61
N ARG A 257 -1.95 19.36 11.87
CA ARG A 257 -0.88 19.63 12.81
C ARG A 257 0.29 20.35 12.16
N GLN A 258 0.23 20.45 10.84
CA GLN A 258 1.23 21.09 10.03
C GLN A 258 0.50 22.10 9.13
N ARG A 259 1.24 23.11 8.72
CA ARG A 259 0.84 24.02 7.70
C ARG A 259 0.64 23.30 6.35
N VAL A 260 -0.61 23.30 5.91
CA VAL A 260 -1.03 22.61 4.68
C VAL A 260 -1.96 23.57 3.92
N SER A 261 -1.75 23.71 2.61
CA SER A 261 -2.58 24.53 1.69
C SER A 261 -4.07 24.19 1.86
N SER A 262 -4.92 25.18 1.69
CA SER A 262 -6.37 24.94 1.72
C SER A 262 -6.87 23.90 0.72
N GLU A 263 -6.23 23.86 -0.44
CA GLU A 263 -6.64 22.95 -1.50
C GLU A 263 -6.34 21.50 -1.09
N CYS A 264 -5.18 21.29 -0.48
CA CYS A 264 -4.81 19.96 0.02
C CYS A 264 -5.69 19.51 1.19
N GLN A 265 -5.91 20.41 2.15
CA GLN A 265 -6.85 20.15 3.24
C GLN A 265 -8.21 19.72 2.69
N HIS A 266 -8.68 20.41 1.65
CA HIS A 266 -9.99 20.15 1.05
C HIS A 266 -10.11 18.72 0.52
N LEU A 267 -9.11 18.29 -0.26
CA LEU A 267 -9.04 16.94 -0.78
C LEU A 267 -8.99 15.89 0.33
N ILE A 268 -8.16 16.13 1.33
CA ILE A 268 -8.06 15.22 2.45
C ILE A 268 -9.40 15.02 3.13
N ARG A 269 -10.03 16.14 3.46
CA ARG A 269 -11.28 16.13 4.16
C ARG A 269 -12.41 15.50 3.33
N TRP A 270 -12.33 15.63 2.01
CA TRP A 270 -13.25 14.95 1.10
C TRP A 270 -13.07 13.41 1.14
N CYS A 271 -11.81 12.96 1.05
CA CYS A 271 -11.48 11.54 1.18
C CYS A 271 -11.90 10.94 2.52
N LEU A 272 -11.83 11.77 3.56
CA LEU A 272 -12.19 11.39 4.92
C LEU A 272 -13.60 11.81 5.32
N ALA A 273 -14.51 11.94 4.34
CA ALA A 273 -15.92 12.15 4.65
C ALA A 273 -16.46 10.96 5.45
N LEU A 274 -17.17 11.24 6.56
CA LEU A 274 -17.76 10.16 7.39
C LEU A 274 -18.69 9.26 6.59
N ARG A 275 -19.51 9.85 5.74
CA ARG A 275 -20.42 9.06 4.91
C ARG A 275 -19.71 8.57 3.64
N PRO A 276 -19.70 7.24 3.42
CA PRO A 276 -18.94 6.70 2.28
C PRO A 276 -19.31 7.28 0.91
N SER A 277 -20.59 7.60 0.72
CA SER A 277 -21.11 8.23 -0.51
C SER A 277 -20.72 9.72 -0.62
N ASP A 278 -20.23 10.34 0.45
CA ASP A 278 -19.70 11.69 0.32
C ASP A 278 -18.24 11.76 -0.15
N ARG A 279 -17.57 10.61 -0.25
CA ARG A 279 -16.16 10.52 -0.64
C ARG A 279 -16.02 10.62 -2.16
N PRO A 280 -14.89 11.17 -2.63
CA PRO A 280 -14.66 11.21 -4.06
C PRO A 280 -14.41 9.84 -4.71
N THR A 281 -14.71 9.75 -5.99
CA THR A 281 -14.19 8.65 -6.82
C THR A 281 -12.68 8.90 -7.15
N PHE A 282 -11.99 7.90 -7.69
CA PHE A 282 -10.58 8.05 -8.13
C PHE A 282 -10.46 9.14 -9.17
N GLU A 283 -11.45 9.23 -10.07
CA GLU A 283 -11.49 10.27 -11.08
C GLU A 283 -11.58 11.67 -10.46
N GLU A 284 -12.48 11.80 -9.49
CA GLU A 284 -12.65 13.08 -8.77
C GLU A 284 -11.39 13.48 -7.97
N ILE A 285 -10.72 12.51 -7.38
CA ILE A 285 -9.42 12.74 -6.72
C ILE A 285 -8.40 13.29 -7.75
N GLN A 286 -8.21 12.57 -8.86
CA GLN A 286 -7.19 12.98 -9.82
C GLN A 286 -7.52 14.27 -10.61
N ASN A 287 -8.80 14.66 -10.64
CA ASN A 287 -9.27 15.91 -11.21
C ASN A 287 -9.32 17.05 -10.20
N HIS A 288 -9.02 16.78 -8.93
CA HIS A 288 -9.02 17.80 -7.89
C HIS A 288 -7.96 18.87 -8.19
N PRO A 289 -8.27 20.15 -7.93
CA PRO A 289 -7.27 21.15 -8.25
C PRO A 289 -5.91 20.96 -7.56
N TRP A 290 -5.87 20.39 -6.34
CA TRP A 290 -4.58 20.10 -5.70
C TRP A 290 -3.72 19.10 -6.50
N MET A 291 -4.36 18.25 -7.30
CA MET A 291 -3.66 17.20 -8.02
C MET A 291 -3.08 17.60 -9.39
N GLN A 292 -3.24 18.87 -9.77
CA GLN A 292 -2.81 19.32 -11.09
C GLN A 292 -1.27 19.54 -11.14
N ASP A 293 -0.71 19.37 -12.35
CA ASP A 293 0.70 19.65 -12.67
C ASP A 293 1.68 18.79 -11.87
N VAL A 294 1.41 17.49 -11.81
CA VAL A 294 2.24 16.53 -11.11
C VAL A 294 3.60 16.45 -11.79
N LEU A 295 4.63 16.28 -10.98
CA LEU A 295 5.96 15.96 -11.46
C LEU A 295 5.98 14.54 -12.05
N LEU A 296 6.81 14.37 -13.05
CA LEU A 296 7.18 13.07 -13.56
C LEU A 296 8.01 12.34 -12.50
N PRO A 297 8.00 11.00 -12.51
CA PRO A 297 8.87 10.27 -11.55
C PRO A 297 10.35 10.66 -11.60
N GLN A 298 10.90 10.75 -12.80
CA GLN A 298 12.28 11.18 -12.99
C GLN A 298 12.60 12.58 -12.42
N GLU A 299 11.68 13.54 -12.63
CA GLU A 299 11.81 14.89 -12.04
C GLU A 299 11.78 14.82 -10.51
N THR A 300 10.92 13.95 -10.00
CA THR A 300 10.73 13.75 -8.55
C THR A 300 12.04 13.25 -7.95
N ALA A 301 12.66 12.28 -8.60
CA ALA A 301 13.94 11.74 -8.15
C ALA A 301 15.01 12.83 -8.15
N GLU A 302 15.10 13.62 -9.22
CA GLU A 302 16.12 14.65 -9.34
C GLU A 302 15.95 15.76 -8.30
N ILE A 303 14.71 16.24 -8.15
CA ILE A 303 14.45 17.36 -7.25
C ILE A 303 14.48 16.93 -5.77
N HIS A 304 13.92 15.75 -5.46
CA HIS A 304 13.67 15.37 -4.05
C HIS A 304 14.41 14.16 -3.48
N LEU A 305 14.95 13.28 -4.34
CA LEU A 305 15.52 12.01 -3.88
C LEU A 305 17.05 11.89 -4.09
N HIS A 306 17.58 12.52 -5.13
CA HIS A 306 19.00 12.37 -5.49
C HIS A 306 19.89 13.33 -4.70
N ARG B 2 6.04 13.79 19.77
CA ARG B 2 4.88 12.86 19.60
C ARG B 2 5.31 11.60 18.85
N LYS B 3 4.95 10.43 19.39
CA LYS B 3 5.48 9.15 18.89
C LYS B 3 4.75 8.69 17.62
N ARG B 4 5.53 8.49 16.57
CA ARG B 4 5.06 7.91 15.34
C ARG B 4 5.41 6.45 15.41
N ARG B 5 4.46 5.58 15.04
CA ARG B 5 4.70 4.15 15.03
C ARG B 5 4.08 3.44 13.83
N ARG B 6 4.60 2.24 13.57
CA ARG B 6 4.00 1.33 12.63
C ARG B 6 2.81 0.69 13.30
N HIS B 7 1.94 0.12 12.49
CA HIS B 7 0.75 -0.54 12.97
C HIS B 7 0.63 -1.86 12.19
N PRO B 8 1.00 -2.98 12.82
CA PRO B 8 0.79 -4.27 12.13
C PRO B 8 -0.64 -4.48 11.61
N SER B 9 -0.75 -5.17 10.49
CA SER B 9 -2.03 -5.52 9.91
C SER B 9 -2.70 -6.60 10.75
N GLY B 10 -4.03 -6.60 10.75
CA GLY B 10 -4.83 -7.41 11.66
C GLY B 10 -5.37 -6.52 12.75
CL CL C . 4.77 -7.88 0.02
C1K MB9 D . 4.97 -7.08 4.67
C1I MB9 D . 4.23 -6.42 5.82
N1M MB9 D . 3.92 -4.97 5.58
C1J MB9 D . 5.07 -4.19 5.11
C1L MB9 D . 5.71 -4.82 3.89
C1W MB9 D . 6.13 -6.28 4.14
N1N MB9 D . 7.15 -6.19 5.22
C1O MB9 D . 8.42 -5.75 4.92
O1C MB9 D . 9.20 -5.66 5.86
C1Q MB9 D . 8.88 -5.74 3.61
N1V MB9 D . 10.02 -5.34 3.05
C1A MB9 D . 11.12 -4.68 3.78
C1T MB9 D . 10.02 -5.56 1.73
C1H MB9 D . 10.97 -5.28 0.73
C1P MB9 D . 10.67 -5.66 -0.58
CL1D MB9 D . 11.85 -5.33 -1.81
C1F MB9 D . 9.47 -6.30 -0.91
C1G MB9 D . 8.51 -6.53 0.08
C1S MB9 D . 8.81 -6.16 1.39
C1R MB9 D . 8.07 -6.28 2.58
C1U MB9 D . 6.68 -6.86 2.85
C1E MB9 D . 6.78 -8.33 2.92
N1B MB9 D . 6.90 -9.45 3.01
C1 EDO E . -18.55 3.01 -3.00
O1 EDO E . -17.60 1.95 -2.86
C2 EDO E . -19.78 2.65 -2.16
O2 EDO E . -19.64 3.10 -0.80
#